data_3C01
#
_entry.id   3C01
#
_cell.length_a   96.663
_cell.length_b   96.663
_cell.length_c   217.511
_cell.angle_alpha   90.00
_cell.angle_beta   90.00
_cell.angle_gamma   120.00
#
_symmetry.space_group_name_H-M   'P 32 2 1'
#
loop_
_entity.id
_entity.type
_entity.pdbx_description
1 polymer 'Surface presentation of antigens protein spaS'
2 polymer 'Surface presentation of antigens protein spaS'
3 non-polymer 'SULFATE ION'
4 non-polymer CYSTEINE
5 non-polymer (4S)-2-METHYL-2,4-PENTANEDIOL
6 water water
#
loop_
_entity_poly.entity_id
_entity_poly.type
_entity_poly.pdbx_seq_one_letter_code
_entity_poly.pdbx_strand_id
1 'polypeptide(L)' MDKEEVKREMKEQEGNPEVKSKRREVHMEILSEQVKSDIENSRLIVAN A,B,C,D
2 'polypeptide(L)'
;PTHITIGIYFKPELMPIPMISVYETNQRALAVRAYAEKVGVPVIVDIKLARSLFKTHRRYDLVSLEEIDEVLRLLVWLEE
VENAGKDVIQPQENEVRH
;
E,F,G,H
#
# COMPACT_ATOMS: atom_id res chain seq x y z
N GLU A 29 -5.44 8.37 16.15
CA GLU A 29 -4.33 8.35 15.17
C GLU A 29 -4.41 7.10 14.26
N ILE A 30 -3.48 6.97 13.32
CA ILE A 30 -3.75 6.33 12.06
C ILE A 30 -3.15 4.94 11.90
N LEU A 31 -2.28 4.53 12.82
CA LEU A 31 -1.75 3.18 12.82
C LEU A 31 -2.31 2.42 14.01
N SER A 32 -2.87 1.26 13.78
CA SER A 32 -3.46 0.47 14.84
C SER A 32 -2.37 -0.22 15.63
N GLU A 33 -2.74 -0.76 16.79
CA GLU A 33 -1.71 -1.42 17.57
CA GLU A 33 -1.78 -1.51 17.61
C GLU A 33 -1.20 -2.65 16.78
N GLN A 34 -2.07 -3.27 16.00
CA GLN A 34 -1.60 -4.39 15.17
C GLN A 34 -0.41 -4.02 14.25
N VAL A 35 -0.55 -2.93 13.52
CA VAL A 35 0.53 -2.55 12.59
C VAL A 35 1.77 -2.09 13.34
N LYS A 36 1.57 -1.38 14.45
CA LYS A 36 2.71 -1.02 15.27
C LYS A 36 3.52 -2.28 15.62
N SER A 37 2.82 -3.30 16.04
CA SER A 37 3.43 -4.55 16.44
C SER A 37 4.15 -5.16 15.25
N ASP A 38 3.49 -5.12 14.10
CA ASP A 38 4.07 -5.69 12.90
C ASP A 38 5.38 -4.96 12.56
N ILE A 39 5.42 -3.63 12.70
CA ILE A 39 6.65 -2.87 12.49
C ILE A 39 7.69 -3.29 13.49
N GLU A 40 7.32 -3.38 14.76
CA GLU A 40 8.30 -3.72 15.77
C GLU A 40 8.98 -5.05 15.49
N ASN A 41 8.26 -5.96 14.86
CA ASN A 41 8.80 -7.28 14.59
C ASN A 41 9.44 -7.45 13.23
N SER A 42 9.56 -6.35 12.48
CA SER A 42 10.16 -6.44 11.15
C SER A 42 11.66 -6.27 11.27
N ARG A 43 12.41 -6.84 10.34
CA ARG A 43 13.85 -6.59 10.21
C ARG A 43 14.07 -5.24 9.61
N LEU A 44 13.32 -4.94 8.55
CA LEU A 44 13.37 -3.65 7.94
C LEU A 44 12.09 -3.18 7.30
N ILE A 45 12.01 -1.88 7.03
CA ILE A 45 10.98 -1.35 6.15
C ILE A 45 11.61 -0.87 4.84
N VAL A 46 11.08 -1.31 3.72
CA VAL A 46 11.52 -0.80 2.43
C VAL A 46 10.57 0.30 1.99
N ALA A 47 11.05 1.47 1.63
CA ALA A 47 10.19 2.58 1.27
C ALA A 47 10.60 3.19 -0.04
N ASN A 48 9.66 3.92 -0.63
CA ASN A 48 9.95 4.81 -1.76
C ASN A 48 9.99 6.26 -1.27
N PRO B 1 0.04 4.94 -5.98
CA PRO B 1 0.39 5.40 -4.65
C PRO B 1 1.59 6.28 -4.71
N THR B 2 1.53 7.39 -4.02
CA THR B 2 2.63 8.26 -4.14
C THR B 2 3.64 7.93 -3.08
N HIS B 3 3.20 7.37 -1.97
CA HIS B 3 4.19 6.73 -1.06
C HIS B 3 3.88 5.29 -0.76
N ILE B 4 4.93 4.50 -0.59
CA ILE B 4 4.81 3.08 -0.30
C ILE B 4 5.69 2.69 0.84
N THR B 5 5.22 1.78 1.69
CA THR B 5 6.04 1.28 2.79
C THR B 5 5.79 -0.21 2.92
N ILE B 6 6.80 -1.05 2.65
CA ILE B 6 6.67 -2.52 2.74
C ILE B 6 7.60 -3.03 3.85
N GLY B 7 7.08 -3.85 4.77
CA GLY B 7 7.87 -4.31 5.91
C GLY B 7 8.28 -5.75 5.64
N ILE B 8 9.51 -6.09 6.02
CA ILE B 8 10.04 -7.44 5.88
C ILE B 8 10.30 -8.04 7.24
N TYR B 9 9.65 -9.19 7.50
CA TYR B 9 9.91 -9.97 8.70
C TYR B 9 10.83 -11.10 8.26
N PHE B 10 11.91 -11.30 9.01
CA PHE B 10 12.82 -12.42 8.76
C PHE B 10 13.39 -12.93 10.07
N LYS B 11 12.98 -14.13 10.48
CA LYS B 11 13.58 -14.81 11.64
C LYS B 11 13.83 -16.25 11.25
N PRO B 12 15.05 -16.56 10.78
CA PRO B 12 15.37 -17.94 10.34
C PRO B 12 15.30 -19.00 11.44
N GLU B 13 15.37 -18.60 12.71
CA GLU B 13 15.21 -19.54 13.85
C GLU B 13 13.81 -20.15 13.80
N LEU B 14 12.86 -19.34 13.35
CA LEU B 14 11.46 -19.72 13.29
C LEU B 14 11.05 -20.21 11.90
N MET B 15 11.57 -19.57 10.86
CA MET B 15 11.06 -19.80 9.51
C MET B 15 12.08 -19.40 8.46
N PRO B 16 12.27 -20.23 7.44
CA PRO B 16 13.39 -19.98 6.52
C PRO B 16 13.20 -18.81 5.53
N ILE B 17 11.96 -18.51 5.16
CA ILE B 17 11.69 -17.49 4.14
C ILE B 17 11.15 -16.19 4.76
N PRO B 18 11.55 -15.04 4.23
CA PRO B 18 11.01 -13.79 4.79
C PRO B 18 9.56 -13.53 4.45
N MET B 19 8.92 -12.61 5.15
CA MET B 19 7.52 -12.33 4.98
C MET B 19 7.23 -10.82 4.91
N ILE B 20 6.16 -10.48 4.22
CA ILE B 20 5.70 -9.12 4.14
C ILE B 20 4.91 -8.83 5.41
N SER B 21 5.54 -8.11 6.35
CA SER B 21 4.98 -7.83 7.64
C SER B 21 4.07 -6.62 7.64
N VAL B 22 4.37 -5.63 6.78
CA VAL B 22 3.71 -4.35 6.77
C VAL B 22 3.44 -4.02 5.32
N TYR B 23 2.26 -3.46 5.03
CA TYR B 23 1.93 -3.07 3.67
C TYR B 23 0.97 -1.86 3.68
N GLU B 24 1.48 -0.69 3.31
CA GLU B 24 0.70 0.53 3.43
C GLU B 24 1.11 1.55 2.37
N THR B 25 0.20 2.44 2.02
CA THR B 25 0.53 3.46 1.06
C THR B 25 0.15 4.83 1.61
N ASN B 26 0.62 5.87 0.91
CA ASN B 26 0.25 7.26 1.20
C ASN B 26 0.39 7.61 2.67
N GLN B 27 -0.65 8.19 3.29
CA GLN B 27 -0.55 8.67 4.68
C GLN B 27 -0.11 7.59 5.65
N ARG B 28 -0.63 6.41 5.46
CA ARG B 28 -0.33 5.34 6.35
C ARG B 28 1.11 4.98 6.13
N ALA B 29 1.58 5.11 4.87
CA ALA B 29 3.00 4.88 4.59
C ALA B 29 3.86 5.88 5.33
N LEU B 30 3.51 7.16 5.27
CA LEU B 30 4.26 8.17 6.02
C LEU B 30 4.28 7.85 7.52
N ALA B 31 3.18 7.35 8.06
CA ALA B 31 3.11 7.09 9.50
C ALA B 31 3.96 5.86 9.87
N VAL B 32 4.01 4.89 8.98
CA VAL B 32 4.85 3.70 9.19
C VAL B 32 6.30 4.07 9.29
N ARG B 33 6.77 4.90 8.37
CA ARG B 33 8.14 5.46 8.39
C ARG B 33 8.41 6.19 9.68
N ALA B 34 7.51 7.07 10.08
CA ALA B 34 7.75 7.85 11.30
C ALA B 34 7.82 6.85 12.48
N TYR B 35 6.97 5.83 12.48
CA TYR B 35 6.95 4.93 13.62
C TYR B 35 8.22 4.00 13.68
N ALA B 36 8.66 3.45 12.55
CA ALA B 36 9.88 2.68 12.50
C ALA B 36 11.12 3.50 12.97
N GLU B 37 11.18 4.77 12.55
CA GLU B 37 12.23 5.68 12.97
C GLU B 37 12.19 5.84 14.47
N LYS B 38 11.02 6.16 15.03
CA LYS B 38 10.84 6.28 16.47
C LYS B 38 11.27 5.04 17.26
N VAL B 39 11.01 3.89 16.71
CA VAL B 39 11.09 2.70 17.49
C VAL B 39 12.40 1.94 17.17
N GLY B 40 13.19 2.47 16.21
CA GLY B 40 14.50 1.95 15.85
C GLY B 40 14.54 0.85 14.79
N VAL B 41 13.52 0.74 13.92
CA VAL B 41 13.55 -0.31 12.90
C VAL B 41 14.00 0.32 11.60
N PRO B 42 15.09 -0.18 10.99
CA PRO B 42 15.71 0.49 9.82
C PRO B 42 14.83 0.67 8.61
N VAL B 43 14.96 1.82 7.96
CA VAL B 43 14.19 2.20 6.80
C VAL B 43 15.12 2.32 5.60
N ILE B 44 14.85 1.57 4.54
CA ILE B 44 15.70 1.57 3.36
C ILE B 44 14.94 2.16 2.23
N VAL B 45 15.38 3.28 1.70
CA VAL B 45 14.62 3.94 0.66
C VAL B 45 15.11 3.42 -0.68
N ASP B 46 14.41 2.41 -1.17
CA ASP B 46 14.78 1.71 -2.40
C ASP B 46 13.55 1.66 -3.30
N ILE B 47 13.50 2.63 -4.20
CA ILE B 47 12.33 2.89 -5.00
C ILE B 47 11.94 1.69 -5.86
N LYS B 48 12.87 1.13 -6.64
CA LYS B 48 12.49 0.03 -7.52
C LYS B 48 11.97 -1.13 -6.75
N LEU B 49 12.64 -1.46 -5.66
CA LEU B 49 12.22 -2.60 -4.82
C LEU B 49 10.87 -2.36 -4.13
N ALA B 50 10.67 -1.17 -3.57
CA ALA B 50 9.38 -0.82 -2.95
C ALA B 50 8.28 -0.99 -3.96
N ARG B 51 8.52 -0.48 -5.15
CA ARG B 51 7.52 -0.46 -6.18
C ARG B 51 7.14 -1.86 -6.64
N SER B 52 8.11 -2.74 -6.76
CA SER B 52 7.79 -4.02 -7.30
C SER B 52 7.22 -4.97 -6.24
N LEU B 53 7.72 -4.93 -5.00
CA LEU B 53 7.06 -5.67 -3.93
C LEU B 53 5.62 -5.23 -3.78
N PHE B 54 5.36 -3.93 -3.88
CA PHE B 54 3.99 -3.40 -3.83
C PHE B 54 3.12 -4.05 -4.91
N LYS B 55 3.68 -4.20 -6.11
CA LYS B 55 2.92 -4.70 -7.24
C LYS B 55 2.70 -6.19 -7.14
N THR B 56 3.73 -6.92 -6.74
CA THR B 56 3.69 -8.40 -6.77
C THR B 56 3.09 -9.04 -5.51
N HIS B 57 3.33 -8.46 -4.33
CA HIS B 57 2.94 -9.07 -3.07
C HIS B 57 1.79 -8.33 -2.36
N ARG B 58 1.27 -8.94 -1.30
CA ARG B 58 0.26 -8.40 -0.40
C ARG B 58 0.67 -8.70 1.05
N ARG B 59 0.03 -7.98 1.98
CA ARG B 59 0.28 -8.14 3.39
C ARG B 59 0.24 -9.62 3.75
N TYR B 60 1.27 -10.07 4.46
CA TYR B 60 1.38 -11.42 5.01
C TYR B 60 1.75 -12.51 4.01
N ASP B 61 2.12 -12.14 2.79
CA ASP B 61 2.71 -13.12 1.88
C ASP B 61 4.11 -13.45 2.32
N LEU B 62 4.53 -14.65 2.01
CA LEU B 62 5.93 -14.94 1.88
C LEU B 62 6.48 -14.25 0.62
N VAL B 63 7.72 -13.79 0.70
CA VAL B 63 8.42 -13.26 -0.44
C VAL B 63 8.60 -14.36 -1.49
N SER B 64 8.11 -14.13 -2.72
CA SER B 64 8.10 -15.13 -3.76
C SER B 64 9.44 -15.22 -4.47
N LEU B 65 9.62 -16.28 -5.24
CA LEU B 65 10.91 -16.58 -5.86
C LEU B 65 11.37 -15.48 -6.83
N GLU B 66 10.43 -14.77 -7.41
CA GLU B 66 10.71 -13.61 -8.24
C GLU B 66 11.62 -12.61 -7.52
N GLU B 67 11.28 -12.26 -6.29
CA GLU B 67 11.96 -11.19 -5.57
C GLU B 67 12.83 -11.64 -4.42
N ILE B 68 12.85 -12.94 -4.16
CA ILE B 68 13.54 -13.46 -2.99
C ILE B 68 15.02 -13.10 -2.98
N ASP B 69 15.70 -13.24 -4.12
CA ASP B 69 17.15 -13.02 -4.13
C ASP B 69 17.51 -11.58 -3.85
N GLU B 70 16.72 -10.65 -4.37
CA GLU B 70 16.94 -9.24 -4.11
C GLU B 70 16.70 -8.91 -2.62
N VAL B 71 15.60 -9.42 -2.06
CA VAL B 71 15.31 -9.21 -0.64
C VAL B 71 16.42 -9.79 0.25
N LEU B 72 16.83 -11.03 -0.05
CA LEU B 72 17.95 -11.68 0.66
C LEU B 72 19.23 -10.85 0.59
N ARG B 73 19.57 -10.32 -0.59
CA ARG B 73 20.72 -9.43 -0.67
C ARG B 73 20.59 -8.22 0.28
N LEU B 74 19.40 -7.62 0.36
CA LEU B 74 19.18 -6.47 1.28
C LEU B 74 19.41 -6.91 2.74
N LEU B 75 18.92 -8.10 3.07
CA LEU B 75 19.00 -8.62 4.44
C LEU B 75 20.45 -8.92 4.84
N VAL B 76 21.21 -9.54 3.94
CA VAL B 76 22.63 -9.81 4.21
C VAL B 76 23.34 -8.47 4.33
N TRP B 77 23.03 -7.56 3.44
CA TRP B 77 23.68 -6.27 3.48
C TRP B 77 23.43 -5.59 4.83
N LEU B 78 22.19 -5.60 5.30
CA LEU B 78 21.86 -4.96 6.56
C LEU B 78 22.59 -5.60 7.73
N GLU B 79 22.76 -6.92 7.68
CA GLU B 79 23.43 -7.63 8.75
C GLU B 79 24.93 -7.27 8.81
N GLU B 80 25.59 -7.30 7.65
CA GLU B 80 26.98 -6.85 7.52
C GLU B 80 27.15 -5.45 8.07
N VAL B 81 26.22 -4.56 7.72
CA VAL B 81 26.31 -3.17 8.09
C VAL B 81 26.16 -3.04 9.59
N GLU B 82 25.20 -3.76 10.17
CA GLU B 82 25.09 -3.78 11.62
C GLU B 82 26.37 -4.28 12.28
N ASN B 83 26.92 -5.36 11.75
CA ASN B 83 28.16 -5.95 12.27
C ASN B 83 29.40 -5.04 12.20
N ALA B 84 29.50 -4.26 11.15
CA ALA B 84 30.57 -3.27 11.01
C ALA B 84 30.50 -2.24 12.14
N GLY B 85 29.29 -1.91 12.55
CA GLY B 85 29.07 -0.91 13.58
C GLY B 85 28.94 -1.48 14.98
N LYS B 86 29.01 -2.81 15.09
CA LYS B 86 28.77 -3.49 16.37
C LYS B 86 30.07 -3.65 17.16
N ASP B 87 31.20 -3.50 16.46
CA ASP B 87 32.53 -3.61 17.08
C ASP B 87 33.17 -2.24 17.39
N VAL B 88 32.78 -1.22 16.62
CA VAL B 88 33.24 0.15 16.84
C VAL B 88 32.68 0.70 18.17
N GLU C 29 15.55 13.04 -17.53
CA GLU C 29 16.33 13.99 -16.71
C GLU C 29 17.56 13.30 -16.11
N ILE C 30 18.64 14.07 -15.96
CA ILE C 30 19.96 13.51 -15.75
C ILE C 30 20.08 12.65 -14.47
N LEU C 31 19.39 13.03 -13.39
CA LEU C 31 19.09 12.14 -12.20
C LEU C 31 17.59 11.94 -12.29
N SER C 32 16.91 10.78 -12.17
CA SER C 32 17.16 9.49 -11.54
C SER C 32 16.43 9.58 -10.22
N GLU C 33 15.32 8.89 -10.10
CA GLU C 33 14.43 9.12 -8.96
C GLU C 33 15.09 8.58 -7.69
N GLN C 34 15.80 7.47 -7.83
CA GLN C 34 16.60 6.89 -6.72
C GLN C 34 17.66 7.87 -6.21
N VAL C 35 18.35 8.52 -7.14
CA VAL C 35 19.41 9.46 -6.76
C VAL C 35 18.82 10.72 -6.16
N LYS C 36 17.78 11.28 -6.77
CA LYS C 36 17.03 12.35 -6.09
C LYS C 36 16.68 11.95 -4.65
N SER C 37 16.22 10.71 -4.45
CA SER C 37 15.81 10.25 -3.14
C SER C 37 17.04 10.15 -2.19
N ASP C 38 18.16 9.68 -2.72
CA ASP C 38 19.36 9.54 -1.92
C ASP C 38 19.87 10.92 -1.46
N ILE C 39 19.69 11.94 -2.31
CA ILE C 39 20.06 13.31 -1.97
C ILE C 39 19.14 13.79 -0.86
N GLU C 40 17.82 13.61 -1.03
CA GLU C 40 16.86 14.07 -0.03
C GLU C 40 17.14 13.51 1.37
N ASN C 41 17.71 12.31 1.45
CA ASN C 41 17.87 11.61 2.70
C ASN C 41 19.28 11.80 3.24
N SER C 42 20.11 12.59 2.54
CA SER C 42 21.47 12.85 2.98
C SER C 42 21.54 13.92 4.05
N ARG C 43 22.48 13.81 4.99
CA ARG C 43 22.76 14.86 5.92
C ARG C 43 23.41 16.05 5.20
N LEU C 44 24.35 15.73 4.29
CA LEU C 44 24.96 16.72 3.46
C LEU C 44 25.56 16.14 2.20
N ILE C 45 25.96 17.05 1.33
CA ILE C 45 26.75 16.80 0.16
C ILE C 45 28.10 17.52 0.33
N VAL C 46 29.17 16.77 0.10
CA VAL C 46 30.51 17.31 0.05
C VAL C 46 30.84 17.51 -1.42
N ALA C 47 31.19 18.73 -1.79
CA ALA C 47 31.60 19.08 -3.15
C ALA C 47 33.03 19.59 -3.20
N ASN C 48 33.61 19.50 -4.39
CA ASN C 48 34.89 20.13 -4.68
C ASN C 48 34.67 21.48 -5.42
N PRO D 1 38.45 14.22 -12.41
CA PRO D 1 37.16 14.82 -12.75
C PRO D 1 37.17 16.25 -12.32
N THR D 2 36.33 17.08 -12.92
CA THR D 2 36.43 18.48 -12.61
C THR D 2 35.47 18.88 -11.55
N HIS D 3 34.30 18.26 -11.54
CA HIS D 3 33.35 18.42 -10.41
C HIS D 3 33.05 17.09 -9.71
N ILE D 4 32.96 17.15 -8.39
CA ILE D 4 32.72 15.97 -7.55
C ILE D 4 31.64 16.26 -6.51
N THR D 5 30.92 15.24 -6.13
CA THR D 5 29.75 15.45 -5.30
C THR D 5 29.56 14.13 -4.63
N ILE D 6 29.86 14.12 -3.34
CA ILE D 6 29.72 12.94 -2.49
C ILE D 6 28.68 13.23 -1.41
N GLY D 7 27.65 12.42 -1.33
CA GLY D 7 26.66 12.58 -0.29
C GLY D 7 26.96 11.69 0.87
N ILE D 8 26.57 12.16 2.07
CA ILE D 8 26.70 11.41 3.28
C ILE D 8 25.32 11.22 3.94
N TYR D 9 25.08 9.96 4.30
CA TYR D 9 23.95 9.53 5.05
C TYR D 9 24.42 9.06 6.43
N PHE D 10 23.74 9.52 7.47
CA PHE D 10 24.16 9.21 8.82
C PHE D 10 22.92 9.06 9.66
N LYS D 11 22.83 7.92 10.35
CA LYS D 11 21.70 7.60 11.19
C LYS D 11 22.26 7.06 12.51
N PRO D 12 22.84 7.98 13.31
CA PRO D 12 23.52 7.67 14.56
C PRO D 12 22.63 6.95 15.55
N GLU D 13 21.36 7.29 15.60
CA GLU D 13 20.48 6.50 16.47
C GLU D 13 20.49 5.01 16.12
N LEU D 14 20.64 4.68 14.85
CA LEU D 14 20.72 3.26 14.46
C LEU D 14 22.14 2.74 14.56
N MET D 15 23.10 3.52 14.06
CA MET D 15 24.50 3.07 14.05
C MET D 15 25.50 4.16 13.66
N PRO D 16 26.76 4.00 14.10
CA PRO D 16 27.63 5.17 14.18
C PRO D 16 28.54 5.40 12.98
N ILE D 17 28.49 4.51 11.99
CA ILE D 17 29.20 4.76 10.74
C ILE D 17 28.28 5.39 9.66
N PRO D 18 28.75 6.47 9.08
CA PRO D 18 28.10 7.07 7.91
C PRO D 18 28.29 6.28 6.64
N MET D 19 27.51 6.56 5.61
CA MET D 19 27.74 5.99 4.31
C MET D 19 27.59 6.96 3.18
N ILE D 20 28.24 6.61 2.05
CA ILE D 20 28.16 7.37 0.83
C ILE D 20 26.80 7.16 0.19
N SER D 21 26.01 8.21 0.19
CA SER D 21 24.65 8.15 -0.26
C SER D 21 24.57 8.59 -1.71
N VAL D 22 25.48 9.44 -2.12
CA VAL D 22 25.46 10.00 -3.45
C VAL D 22 26.92 10.03 -3.94
N TYR D 23 27.13 9.72 -5.20
CA TYR D 23 28.47 9.63 -5.75
C TYR D 23 28.40 9.92 -7.26
N GLU D 24 28.77 11.14 -7.62
CA GLU D 24 28.64 11.64 -8.98
C GLU D 24 29.73 12.63 -9.31
N THR D 25 29.78 12.97 -10.59
CA THR D 25 30.89 13.55 -11.27
C THR D 25 30.42 14.50 -12.39
N ASN D 26 31.26 15.46 -12.69
CA ASN D 26 31.06 16.38 -13.83
C ASN D 26 29.59 16.85 -13.96
N GLN D 27 28.99 16.79 -15.14
CA GLN D 27 27.66 17.39 -15.31
C GLN D 27 26.66 16.88 -14.28
N ARG D 28 26.76 15.62 -13.91
CA ARG D 28 25.82 15.08 -12.94
C ARG D 28 26.10 15.59 -11.52
N ALA D 29 27.37 15.84 -11.21
CA ALA D 29 27.73 16.54 -9.97
C ALA D 29 27.03 17.86 -9.87
N LEU D 30 27.08 18.64 -10.95
CA LEU D 30 26.41 19.93 -10.98
C LEU D 30 24.89 19.80 -10.81
N ALA D 31 24.28 18.79 -11.38
CA ALA D 31 22.86 18.57 -11.14
C ALA D 31 22.57 18.21 -9.66
N VAL D 32 23.47 17.46 -9.02
CA VAL D 32 23.31 17.09 -7.61
C VAL D 32 23.35 18.35 -6.73
N ARG D 33 24.25 19.28 -7.04
CA ARG D 33 24.29 20.55 -6.31
C ARG D 33 22.98 21.29 -6.48
N ALA D 34 22.51 21.43 -7.71
CA ALA D 34 21.28 22.20 -7.95
C ALA D 34 20.14 21.51 -7.21
N TYR D 35 20.09 20.19 -7.27
CA TYR D 35 18.97 19.48 -6.65
C TYR D 35 18.97 19.55 -5.10
N ALA D 36 20.15 19.34 -4.49
CA ALA D 36 20.28 19.51 -3.06
C ALA D 36 19.81 20.92 -2.64
N GLU D 37 20.22 21.92 -3.40
CA GLU D 37 19.84 23.31 -3.08
C GLU D 37 18.32 23.52 -3.12
N LYS D 38 17.69 22.91 -4.12
CA LYS D 38 16.24 23.01 -4.33
C LYS D 38 15.47 22.35 -3.21
N VAL D 39 16.09 21.37 -2.57
CA VAL D 39 15.43 20.55 -1.59
C VAL D 39 15.94 20.84 -0.16
N GLY D 40 16.89 21.76 -0.02
CA GLY D 40 17.36 22.21 1.30
C GLY D 40 18.35 21.32 2.02
N VAL D 41 19.09 20.49 1.27
CA VAL D 41 20.15 19.66 1.82
C VAL D 41 21.47 20.42 1.70
N PRO D 42 22.22 20.61 2.80
CA PRO D 42 23.40 21.52 2.68
C PRO D 42 24.52 21.04 1.75
N VAL D 43 25.06 21.96 0.96
CA VAL D 43 26.23 21.69 0.18
C VAL D 43 27.44 22.39 0.77
N ILE D 44 28.48 21.59 1.05
CA ILE D 44 29.75 22.05 1.65
C ILE D 44 30.89 21.72 0.69
N VAL D 45 31.63 22.75 0.29
CA VAL D 45 32.87 22.58 -0.45
C VAL D 45 34.01 22.23 0.53
N ASP D 46 34.40 20.96 0.60
CA ASP D 46 35.70 20.51 1.19
C ASP D 46 36.40 19.71 0.12
N ILE D 47 37.27 20.41 -0.60
CA ILE D 47 37.90 19.91 -1.80
C ILE D 47 38.70 18.68 -1.44
N LYS D 48 39.56 18.72 -0.43
CA LYS D 48 40.44 17.56 -0.10
C LYS D 48 39.60 16.37 0.26
N LEU D 49 38.57 16.60 1.06
CA LEU D 49 37.78 15.49 1.52
C LEU D 49 36.96 14.87 0.36
N ALA D 50 36.41 15.75 -0.48
CA ALA D 50 35.61 15.34 -1.64
C ALA D 50 36.48 14.46 -2.50
N ARG D 51 37.71 14.91 -2.71
CA ARG D 51 38.60 14.15 -3.54
C ARG D 51 39.00 12.83 -2.96
N SER D 52 39.31 12.75 -1.68
CA SER D 52 39.82 11.49 -1.17
C SER D 52 38.69 10.49 -1.01
N LEU D 53 37.50 10.94 -0.63
CA LEU D 53 36.36 10.03 -0.65
C LEU D 53 36.07 9.53 -2.08
N PHE D 54 36.33 10.36 -3.07
CA PHE D 54 36.05 9.96 -4.44
C PHE D 54 37.04 8.90 -4.84
N LYS D 55 38.29 9.10 -4.49
CA LYS D 55 39.35 8.16 -4.86
C LYS D 55 39.09 6.76 -4.26
N THR D 56 38.66 6.72 -3.00
CA THR D 56 38.70 5.49 -2.21
C THR D 56 37.34 4.87 -1.80
N HIS D 57 36.23 5.49 -2.15
CA HIS D 57 34.92 4.94 -1.85
C HIS D 57 34.15 4.82 -3.13
N ARG D 58 33.00 4.19 -3.01
CA ARG D 58 32.11 3.97 -4.14
C ARG D 58 30.67 4.14 -3.61
N ARG D 59 29.70 4.23 -4.49
CA ARG D 59 28.36 4.52 -4.01
C ARG D 59 27.90 3.45 -3.05
N TYR D 60 27.29 3.89 -1.95
CA TYR D 60 26.73 3.03 -0.91
C TYR D 60 27.72 2.35 -0.01
N ASP D 61 29.01 2.58 -0.16
CA ASP D 61 29.98 2.05 0.79
C ASP D 61 29.78 2.73 2.14
N LEU D 62 30.11 1.98 3.17
CA LEU D 62 30.35 2.56 4.50
C LEU D 62 31.61 3.38 4.41
N VAL D 63 31.69 4.48 5.16
CA VAL D 63 32.90 5.30 5.15
C VAL D 63 34.00 4.59 5.93
N SER D 64 35.18 4.43 5.34
CA SER D 64 36.28 3.64 5.92
C SER D 64 37.01 4.27 7.12
N LEU D 65 37.83 3.46 7.76
CA LEU D 65 38.64 3.88 8.90
C LEU D 65 39.48 5.08 8.55
N GLU D 66 40.04 5.11 7.34
CA GLU D 66 40.98 6.19 7.00
C GLU D 66 40.30 7.56 6.96
N GLU D 67 39.04 7.60 6.57
CA GLU D 67 38.36 8.88 6.43
C GLU D 67 37.29 9.16 7.46
N ILE D 68 37.03 8.23 8.37
CA ILE D 68 35.91 8.35 9.31
C ILE D 68 36.01 9.51 10.30
N ASP D 69 37.15 9.69 10.94
CA ASP D 69 37.26 10.77 11.90
C ASP D 69 36.96 12.11 11.25
N GLU D 70 37.48 12.32 10.03
CA GLU D 70 37.28 13.58 9.36
C GLU D 70 35.82 13.78 9.00
N VAL D 71 35.13 12.71 8.62
CA VAL D 71 33.73 12.83 8.25
C VAL D 71 32.84 13.09 9.44
N LEU D 72 33.12 12.37 10.54
CA LEU D 72 32.44 12.59 11.83
C LEU D 72 32.62 14.05 12.32
N ARG D 73 33.84 14.60 12.23
CA ARG D 73 34.06 15.98 12.64
C ARG D 73 33.12 16.93 11.86
N LEU D 74 32.94 16.68 10.57
CA LEU D 74 32.05 17.47 9.70
C LEU D 74 30.61 17.38 10.17
N LEU D 75 30.20 16.15 10.51
CA LEU D 75 28.84 15.89 10.94
C LEU D 75 28.59 16.59 12.26
N VAL D 76 29.53 16.50 13.18
CA VAL D 76 29.35 17.15 14.48
C VAL D 76 29.23 18.66 14.29
N TRP D 77 29.92 19.21 13.29
CA TRP D 77 29.97 20.64 13.14
C TRP D 77 28.70 21.15 12.48
N LEU D 78 28.24 20.46 11.45
CA LEU D 78 26.93 20.71 10.86
C LEU D 78 25.84 20.71 11.94
N GLU D 79 25.88 19.71 12.82
CA GLU D 79 24.90 19.64 13.89
C GLU D 79 24.96 20.87 14.80
N GLU D 80 26.14 21.27 15.24
CA GLU D 80 26.29 22.44 16.11
C GLU D 80 25.82 23.71 15.41
N VAL D 81 26.06 23.80 14.10
CA VAL D 81 25.71 25.00 13.35
C VAL D 81 24.19 25.11 13.32
N GLU D 82 23.53 24.00 13.06
CA GLU D 82 22.07 23.98 13.03
C GLU D 82 21.40 24.16 14.40
N ASN D 83 22.09 23.78 15.47
CA ASN D 83 21.57 23.99 16.82
C ASN D 83 21.78 25.42 17.36
N ALA D 84 22.54 26.24 16.65
CA ALA D 84 22.86 27.57 17.16
C ALA D 84 21.89 28.73 16.85
N GLY D 85 21.22 28.81 15.70
CA GLY D 85 20.80 27.71 14.82
C GLY D 85 19.31 28.03 14.69
N LYS D 86 18.66 28.02 15.85
CA LYS D 86 17.49 28.85 16.11
C LYS D 86 17.25 28.78 17.62
N ASP D 87 17.38 27.57 18.16
CA ASP D 87 17.51 27.33 19.62
C ASP D 87 16.24 27.69 20.45
N ILE E 30 -40.72 -0.20 2.81
CA ILE E 30 -40.86 1.27 2.58
C ILE E 30 -40.23 2.08 3.73
N LEU E 31 -39.25 2.93 3.40
CA LEU E 31 -38.43 3.63 4.39
C LEU E 31 -38.98 5.00 4.65
N SER E 32 -38.79 5.48 5.90
CA SER E 32 -39.21 6.82 6.29
C SER E 32 -38.39 7.83 5.52
N GLU E 33 -38.86 9.08 5.53
CA GLU E 33 -38.21 10.15 4.79
C GLU E 33 -36.82 10.48 5.38
N GLN E 34 -36.71 10.24 6.70
CA GLN E 34 -35.51 10.49 7.49
C GLN E 34 -34.45 9.48 7.10
N VAL E 35 -34.82 8.20 7.09
CA VAL E 35 -33.86 7.19 6.69
C VAL E 35 -33.40 7.46 5.26
N LYS E 36 -34.31 7.91 4.40
CA LYS E 36 -33.89 8.25 3.04
C LYS E 36 -32.84 9.39 3.05
N SER E 37 -33.09 10.43 3.82
CA SER E 37 -32.16 11.56 3.90
C SER E 37 -30.83 11.10 4.51
N ASP E 38 -30.92 10.25 5.53
CA ASP E 38 -29.73 9.72 6.18
C ASP E 38 -28.84 8.94 5.20
N ILE E 39 -29.46 8.10 4.37
CA ILE E 39 -28.75 7.42 3.28
C ILE E 39 -28.18 8.41 2.27
N GLU E 40 -28.96 9.40 1.84
CA GLU E 40 -28.45 10.37 0.90
C GLU E 40 -27.21 11.12 1.42
N ASN E 41 -27.12 11.35 2.72
CA ASN E 41 -26.00 12.09 3.29
C ASN E 41 -24.86 11.20 3.70
N SER E 42 -25.02 9.89 3.47
CA SER E 42 -23.96 8.92 3.74
C SER E 42 -22.93 8.84 2.63
N ARG E 43 -21.73 8.49 3.02
CA ARG E 43 -20.60 8.34 2.11
C ARG E 43 -20.68 6.98 1.52
N LEU E 44 -20.96 5.99 2.38
CA LEU E 44 -21.17 4.61 1.99
C LEU E 44 -22.07 3.81 2.97
N ILE E 45 -22.53 2.65 2.51
CA ILE E 45 -23.21 1.67 3.32
C ILE E 45 -22.39 0.38 3.34
N VAL E 46 -22.33 -0.23 4.52
CA VAL E 46 -21.69 -1.54 4.71
C VAL E 46 -22.78 -2.58 4.92
N ALA E 47 -22.78 -3.64 4.14
CA ALA E 47 -23.84 -4.62 4.21
C ALA E 47 -23.26 -6.03 4.36
N ASN E 48 -24.10 -6.97 4.79
CA ASN E 48 -23.76 -8.42 4.81
C ASN E 48 -24.49 -9.19 3.69
N PRO F 1 -29.84 -9.94 12.47
CA PRO F 1 -29.59 -11.34 12.13
C PRO F 1 -29.40 -11.62 10.62
N THR F 2 -30.45 -11.77 9.80
CA THR F 2 -30.19 -12.23 8.42
C THR F 2 -29.46 -11.20 7.57
N HIS F 3 -30.06 -10.04 7.35
CA HIS F 3 -29.39 -8.99 6.60
C HIS F 3 -29.16 -7.79 7.51
N ILE F 4 -28.04 -7.11 7.26
CA ILE F 4 -27.61 -5.94 8.01
C ILE F 4 -27.14 -4.87 7.05
N THR F 5 -27.43 -3.63 7.38
CA THR F 5 -27.08 -2.50 6.53
C THR F 5 -26.69 -1.43 7.48
N ILE F 6 -25.45 -0.95 7.40
CA ILE F 6 -24.95 0.11 8.32
C ILE F 6 -24.38 1.31 7.56
N GLY F 7 -24.91 2.49 7.80
CA GLY F 7 -24.49 3.68 7.04
C GLY F 7 -23.37 4.44 7.71
N ILE F 8 -22.47 5.02 6.92
CA ILE F 8 -21.36 5.78 7.43
C ILE F 8 -21.39 7.18 6.83
N TYR F 9 -21.53 8.17 7.73
CA TYR F 9 -21.43 9.58 7.41
C TYR F 9 -20.03 9.97 7.71
N PHE F 10 -19.41 10.72 6.80
CA PHE F 10 -18.07 11.20 7.05
C PHE F 10 -17.88 12.47 6.21
N LYS F 11 -17.91 13.61 6.87
CA LYS F 11 -17.63 14.92 6.24
C LYS F 11 -16.50 15.53 7.04
N PRO F 12 -15.25 15.13 6.71
CA PRO F 12 -14.07 15.56 7.46
C PRO F 12 -13.83 17.07 7.50
N GLU F 13 -14.46 17.81 6.60
CA GLU F 13 -14.48 19.27 6.69
C GLU F 13 -15.23 19.70 7.97
N LEU F 14 -16.38 19.10 8.22
CA LEU F 14 -17.23 19.44 9.36
C LEU F 14 -16.78 18.79 10.65
N MET F 15 -16.44 17.51 10.60
CA MET F 15 -15.94 16.82 11.79
C MET F 15 -15.14 15.58 11.42
N PRO F 16 -14.20 15.18 12.30
CA PRO F 16 -13.17 14.22 11.89
C PRO F 16 -13.53 12.77 12.00
N ILE F 17 -14.54 12.42 12.79
CA ILE F 17 -14.85 11.01 13.07
C ILE F 17 -16.07 10.66 12.30
N PRO F 18 -16.06 9.51 11.61
CA PRO F 18 -17.26 9.07 10.93
C PRO F 18 -18.32 8.64 11.92
N MET F 19 -19.58 8.61 11.50
CA MET F 19 -20.68 8.22 12.36
C MET F 19 -21.63 7.27 11.66
N ILE F 20 -22.40 6.53 12.46
CA ILE F 20 -23.38 5.60 11.95
C ILE F 20 -24.59 6.39 11.50
N SER F 21 -24.84 6.46 10.21
CA SER F 21 -25.93 7.25 9.70
C SER F 21 -27.20 6.43 9.50
N VAL F 22 -27.04 5.11 9.41
CA VAL F 22 -28.14 4.23 9.10
C VAL F 22 -27.91 2.90 9.83
N TYR F 23 -28.96 2.32 10.40
CA TYR F 23 -28.86 1.09 11.19
C TYR F 23 -30.14 0.24 11.05
N GLU F 24 -30.15 -0.67 10.09
CA GLU F 24 -31.34 -1.46 9.78
C GLU F 24 -30.99 -2.89 9.51
N THR F 25 -32.01 -3.75 9.63
CA THR F 25 -31.85 -5.17 9.49
C THR F 25 -32.93 -5.79 8.63
N ASN F 26 -32.64 -6.99 8.15
CA ASN F 26 -33.61 -7.79 7.44
C ASN F 26 -34.36 -7.00 6.35
N GLN F 27 -35.67 -6.87 6.49
CA GLN F 27 -36.56 -6.30 5.46
CA GLN F 27 -36.43 -6.35 5.36
C GLN F 27 -36.12 -4.87 5.13
N ARG F 28 -35.89 -4.10 6.18
CA ARG F 28 -35.48 -2.71 6.02
C ARG F 28 -34.04 -2.59 5.51
N ALA F 29 -33.20 -3.56 5.88
CA ALA F 29 -31.84 -3.58 5.41
C ALA F 29 -31.88 -3.72 3.91
N LEU F 30 -32.72 -4.61 3.39
CA LEU F 30 -32.86 -4.77 1.94
C LEU F 30 -33.43 -3.52 1.24
N ALA F 31 -34.30 -2.78 1.90
CA ALA F 31 -34.81 -1.56 1.27
C ALA F 31 -33.73 -0.46 1.29
N VAL F 32 -32.91 -0.42 2.33
CA VAL F 32 -31.80 0.53 2.37
C VAL F 32 -30.86 0.30 1.21
N ARG F 33 -30.67 -0.95 0.86
CA ARG F 33 -29.74 -1.29 -0.19
C ARG F 33 -30.31 -0.86 -1.52
N ALA F 34 -31.53 -1.27 -1.81
CA ALA F 34 -32.18 -0.81 -3.02
C ALA F 34 -32.13 0.72 -3.10
N TYR F 35 -32.31 1.42 -1.98
CA TYR F 35 -32.33 2.87 -2.07
C TYR F 35 -30.93 3.48 -2.29
N ALA F 36 -29.90 2.89 -1.71
CA ALA F 36 -28.54 3.43 -1.91
C ALA F 36 -28.18 3.27 -3.39
N GLU F 37 -28.56 2.13 -3.95
CA GLU F 37 -28.28 1.85 -5.34
C GLU F 37 -29.02 2.80 -6.26
N LYS F 38 -30.27 3.10 -5.96
CA LYS F 38 -31.03 4.04 -6.78
C LYS F 38 -30.41 5.43 -6.73
N VAL F 39 -30.05 5.86 -5.55
CA VAL F 39 -29.66 7.23 -5.37
C VAL F 39 -28.12 7.43 -5.53
N GLY F 40 -27.37 6.33 -5.65
CA GLY F 40 -25.96 6.37 -6.03
C GLY F 40 -24.96 6.37 -4.89
N VAL F 41 -25.37 5.87 -3.74
CA VAL F 41 -24.49 5.78 -2.58
C VAL F 41 -23.89 4.39 -2.57
N PRO F 42 -22.54 4.31 -2.59
CA PRO F 42 -21.83 3.03 -2.74
C PRO F 42 -22.11 2.01 -1.64
N VAL F 43 -22.31 0.76 -2.04
CA VAL F 43 -22.59 -0.34 -1.12
C VAL F 43 -21.42 -1.34 -1.03
N ILE F 44 -20.99 -1.63 0.17
CA ILE F 44 -19.88 -2.51 0.33
C ILE F 44 -20.27 -3.69 1.20
N VAL F 45 -20.17 -4.88 0.64
CA VAL F 45 -20.59 -6.08 1.32
C VAL F 45 -19.38 -6.69 2.04
N ASP F 46 -19.23 -6.29 3.31
CA ASP F 46 -18.15 -6.81 4.18
C ASP F 46 -18.81 -7.42 5.38
N ILE F 47 -18.95 -8.72 5.35
CA ILE F 47 -19.75 -9.41 6.32
C ILE F 47 -19.21 -9.18 7.73
N LYS F 48 -17.91 -9.36 7.91
CA LYS F 48 -17.31 -9.23 9.23
C LYS F 48 -17.53 -7.81 9.80
N LEU F 49 -17.28 -6.78 8.98
CA LEU F 49 -17.42 -5.40 9.43
C LEU F 49 -18.88 -5.03 9.71
N ALA F 50 -19.76 -5.42 8.81
CA ALA F 50 -21.17 -5.15 8.96
C ALA F 50 -21.60 -5.74 10.29
N ARG F 51 -21.15 -6.97 10.50
CA ARG F 51 -21.53 -7.70 11.69
C ARG F 51 -21.00 -7.09 12.98
N SER F 52 -19.78 -6.58 12.99
CA SER F 52 -19.26 -6.08 14.24
C SER F 52 -19.75 -4.70 14.52
N LEU F 53 -19.91 -3.84 13.51
CA LEU F 53 -20.49 -2.53 13.76
C LEU F 53 -21.92 -2.70 14.28
N PHE F 54 -22.65 -3.68 13.76
CA PHE F 54 -24.03 -3.90 14.19
C PHE F 54 -24.14 -4.11 15.69
N LYS F 55 -23.24 -4.88 16.30
CA LYS F 55 -23.41 -5.17 17.75
C LYS F 55 -22.73 -4.18 18.64
N THR F 56 -21.83 -3.42 18.08
CA THR F 56 -20.99 -2.53 18.87
C THR F 56 -21.55 -1.11 18.93
N HIS F 57 -22.62 -0.87 18.16
CA HIS F 57 -23.13 0.47 17.95
C HIS F 57 -24.62 0.50 17.81
N ARG F 58 -25.13 1.72 17.86
CA ARG F 58 -26.51 2.03 17.61
C ARG F 58 -26.55 3.28 16.72
N ARG F 59 -27.71 3.57 16.16
CA ARG F 59 -27.88 4.60 15.14
C ARG F 59 -27.44 5.97 15.65
N TYR F 60 -26.62 6.67 14.88
CA TYR F 60 -26.11 8.01 15.27
C TYR F 60 -24.96 7.98 16.30
N ASP F 61 -24.45 6.79 16.65
CA ASP F 61 -23.17 6.70 17.35
C ASP F 61 -22.04 7.17 16.45
N LEU F 62 -21.05 7.78 17.06
CA LEU F 62 -19.72 7.85 16.50
C LEU F 62 -19.09 6.44 16.44
N VAL F 63 -18.33 6.17 15.37
CA VAL F 63 -17.66 4.91 15.27
C VAL F 63 -16.59 4.76 16.36
N SER F 64 -16.57 3.58 16.99
CA SER F 64 -15.82 3.38 18.23
C SER F 64 -14.36 2.98 17.96
N LEU F 65 -13.62 2.92 19.06
CA LEU F 65 -12.22 2.58 19.08
C LEU F 65 -11.97 1.21 18.42
N GLU F 66 -12.83 0.25 18.70
CA GLU F 66 -12.63 -1.11 18.22
C GLU F 66 -12.68 -1.16 16.70
N GLU F 67 -13.55 -0.40 16.06
CA GLU F 67 -13.75 -0.57 14.64
C GLU F 67 -13.29 0.61 13.80
N ILE F 68 -12.76 1.64 14.42
CA ILE F 68 -12.40 2.86 13.66
C ILE F 68 -11.37 2.60 12.57
N ASP F 69 -10.34 1.82 12.88
CA ASP F 69 -9.29 1.58 11.92
C ASP F 69 -9.88 1.03 10.63
N GLU F 70 -10.75 0.01 10.72
CA GLU F 70 -11.23 -0.62 9.48
C GLU F 70 -12.17 0.32 8.71
N VAL F 71 -12.98 1.08 9.40
CA VAL F 71 -13.84 2.07 8.72
C VAL F 71 -13.07 3.16 7.97
N LEU F 72 -12.05 3.71 8.61
CA LEU F 72 -11.14 4.70 7.96
C LEU F 72 -10.42 4.10 6.72
N ARG F 73 -10.08 2.81 6.75
CA ARG F 73 -9.41 2.21 5.60
C ARG F 73 -10.36 2.09 4.43
N LEU F 74 -11.58 1.68 4.74
CA LEU F 74 -12.65 1.63 3.73
C LEU F 74 -12.85 3.00 3.04
N LEU F 75 -12.91 4.07 3.85
CA LEU F 75 -13.06 5.43 3.35
C LEU F 75 -11.91 5.87 2.45
N VAL F 76 -10.69 5.62 2.86
CA VAL F 76 -9.56 5.96 2.03
C VAL F 76 -9.60 5.09 0.79
N TRP F 77 -9.94 3.82 0.96
CA TRP F 77 -9.99 2.94 -0.19
C TRP F 77 -11.01 3.49 -1.20
N LEU F 78 -12.15 3.94 -0.70
CA LEU F 78 -13.22 4.36 -1.58
C LEU F 78 -12.79 5.63 -2.32
N GLU F 79 -12.12 6.55 -1.61
CA GLU F 79 -11.59 7.74 -2.24
C GLU F 79 -10.52 7.43 -3.32
N GLU F 80 -9.61 6.51 -3.04
CA GLU F 80 -8.60 6.10 -4.02
C GLU F 80 -9.23 5.42 -5.25
N VAL F 81 -10.26 4.60 -5.04
CA VAL F 81 -11.00 4.00 -6.16
C VAL F 81 -11.70 5.03 -7.04
N GLU F 82 -12.21 6.08 -6.44
CA GLU F 82 -12.89 7.13 -7.20
C GLU F 82 -11.92 7.92 -8.03
N ASN F 83 -10.70 8.09 -7.54
CA ASN F 83 -9.70 8.85 -8.26
C ASN F 83 -9.07 8.03 -9.36
N ALA F 84 -8.93 6.73 -9.18
CA ALA F 84 -8.57 5.88 -10.31
C ALA F 84 -9.65 6.01 -11.39
N GLY F 85 -10.91 6.17 -10.96
CA GLY F 85 -12.07 6.23 -11.87
C GLY F 85 -12.31 7.52 -12.64
N LYS F 86 -11.78 8.64 -12.12
CA LYS F 86 -12.02 9.96 -12.74
C LYS F 86 -11.29 10.16 -14.09
N ASP F 87 -10.36 9.25 -14.38
CA ASP F 87 -9.55 9.28 -15.61
C ASP F 87 -9.51 7.91 -16.29
N ILE G 30 -14.15 -26.09 0.19
CA ILE G 30 -15.20 -25.48 1.08
C ILE G 30 -15.00 -23.97 1.43
N LEU G 31 -15.97 -23.13 1.01
CA LEU G 31 -15.79 -21.67 0.91
C LEU G 31 -16.34 -20.86 2.07
N SER G 32 -15.72 -19.70 2.31
CA SER G 32 -16.14 -18.85 3.39
C SER G 32 -17.38 -18.05 2.97
N GLU G 33 -18.11 -17.55 3.95
CA GLU G 33 -19.25 -16.69 3.71
C GLU G 33 -18.89 -15.44 2.91
N GLN G 34 -17.76 -14.84 3.19
CA GLN G 34 -17.38 -13.61 2.50
C GLN G 34 -17.17 -13.90 1.00
N VAL G 35 -16.50 -15.02 0.70
CA VAL G 35 -16.30 -15.47 -0.69
C VAL G 35 -17.60 -15.89 -1.34
N LYS G 36 -18.50 -16.52 -0.58
CA LYS G 36 -19.84 -16.83 -1.12
C LYS G 36 -20.52 -15.53 -1.50
N SER G 37 -20.47 -14.54 -0.63
CA SER G 37 -21.11 -13.27 -0.89
C SER G 37 -20.45 -12.57 -2.09
N ASP G 38 -19.12 -12.64 -2.13
CA ASP G 38 -18.38 -12.01 -3.24
C ASP G 38 -18.81 -12.59 -4.58
N ILE G 39 -19.01 -13.91 -4.61
CA ILE G 39 -19.53 -14.55 -5.82
C ILE G 39 -20.93 -14.06 -6.18
N GLU G 40 -21.83 -14.00 -5.20
CA GLU G 40 -23.20 -13.57 -5.48
C GLU G 40 -23.29 -12.15 -6.08
N ASN G 41 -22.33 -11.30 -5.76
CA ASN G 41 -22.31 -9.93 -6.21
C ASN G 41 -21.50 -9.72 -7.50
N SER G 42 -20.94 -10.81 -8.01
CA SER G 42 -20.13 -10.72 -9.23
C SER G 42 -20.99 -10.64 -10.45
N ARG G 43 -20.48 -9.99 -11.49
CA ARG G 43 -21.16 -10.00 -12.76
C ARG G 43 -20.88 -11.31 -13.51
N LEU G 44 -19.63 -11.78 -13.43
CA LEU G 44 -19.28 -13.10 -13.92
C LEU G 44 -18.03 -13.68 -13.27
N ILE G 45 -17.79 -14.96 -13.52
CA ILE G 45 -16.58 -15.67 -13.12
C ILE G 45 -15.86 -16.12 -14.41
N VAL G 46 -14.60 -15.76 -14.53
CA VAL G 46 -13.81 -16.22 -15.64
C VAL G 46 -13.06 -17.46 -15.15
N ALA G 47 -13.17 -18.56 -15.84
CA ALA G 47 -12.53 -19.82 -15.45
C ALA G 47 -11.60 -20.28 -16.54
N ASN G 48 -10.60 -21.08 -16.17
CA ASN G 48 -9.80 -21.80 -17.17
C ASN G 48 -10.43 -23.15 -17.51
N PRO H 1 -2.55 -22.55 -10.91
CA PRO H 1 -2.02 -23.30 -12.05
C PRO H 1 -3.06 -24.18 -12.73
N THR H 2 -3.57 -25.21 -12.06
CA THR H 2 -4.41 -26.21 -12.75
C THR H 2 -5.92 -25.83 -12.91
N HIS H 3 -6.56 -25.26 -11.90
CA HIS H 3 -7.88 -24.60 -12.13
C HIS H 3 -7.80 -23.20 -11.62
N ILE H 4 -8.29 -22.25 -12.40
CA ILE H 4 -8.31 -20.83 -12.03
C ILE H 4 -9.75 -20.31 -12.12
N THR H 5 -10.08 -19.43 -11.20
CA THR H 5 -11.42 -18.83 -11.12
C THR H 5 -11.20 -17.36 -10.71
N ILE H 6 -11.60 -16.45 -11.60
CA ILE H 6 -11.51 -15.00 -11.33
C ILE H 6 -12.86 -14.32 -11.47
N GLY H 7 -13.32 -13.72 -10.38
CA GLY H 7 -14.61 -13.04 -10.41
C GLY H 7 -14.43 -11.58 -10.76
N ILE H 8 -15.37 -11.03 -11.52
CA ILE H 8 -15.41 -9.64 -11.87
C ILE H 8 -16.67 -9.02 -11.27
N TYR H 9 -16.48 -7.91 -10.59
CA TYR H 9 -17.55 -7.05 -10.10
C TYR H 9 -17.50 -5.80 -10.95
N PHE H 10 -18.68 -5.29 -11.33
CA PHE H 10 -18.77 -4.16 -12.25
C PHE H 10 -20.03 -3.38 -11.95
N LYS H 11 -19.84 -2.11 -11.65
CA LYS H 11 -20.94 -1.20 -11.31
C LYS H 11 -20.70 0.13 -12.02
N PRO H 12 -20.94 0.15 -13.34
CA PRO H 12 -20.66 1.30 -14.21
C PRO H 12 -21.44 2.54 -13.85
N GLU H 13 -22.69 2.37 -13.42
CA GLU H 13 -23.56 3.49 -12.96
C GLU H 13 -22.94 4.26 -11.78
N LEU H 14 -21.73 3.89 -11.39
CA LEU H 14 -21.09 4.35 -10.15
C LEU H 14 -19.58 4.57 -10.37
N MET H 15 -18.94 3.67 -11.08
CA MET H 15 -17.61 3.92 -11.59
C MET H 15 -17.22 2.95 -12.74
N PRO H 16 -16.37 3.42 -13.66
CA PRO H 16 -16.16 2.70 -14.91
C PRO H 16 -15.09 1.58 -14.91
N ILE H 17 -14.31 1.42 -13.83
CA ILE H 17 -13.35 0.29 -13.76
C ILE H 17 -13.89 -0.91 -12.96
N PRO H 18 -13.72 -2.12 -13.49
CA PRO H 18 -14.21 -3.30 -12.80
C PRO H 18 -13.19 -3.82 -11.81
N MET H 19 -13.59 -4.75 -10.95
CA MET H 19 -12.72 -5.17 -9.86
C MET H 19 -12.75 -6.68 -9.71
N ILE H 20 -11.66 -7.23 -9.23
CA ILE H 20 -11.58 -8.66 -9.01
C ILE H 20 -12.30 -8.98 -7.71
N SER H 21 -13.46 -9.62 -7.79
CA SER H 21 -14.22 -10.00 -6.63
C SER H 21 -13.81 -11.33 -6.03
N VAL H 22 -13.28 -12.21 -6.89
CA VAL H 22 -13.02 -13.58 -6.50
C VAL H 22 -11.68 -13.94 -7.11
N TYR H 23 -10.88 -14.66 -6.32
CA TYR H 23 -9.54 -15.08 -6.74
C TYR H 23 -9.21 -16.36 -6.04
N GLU H 24 -9.20 -17.43 -6.78
CA GLU H 24 -9.23 -18.74 -6.17
C GLU H 24 -8.66 -19.74 -7.13
N THR H 25 -8.04 -20.77 -6.57
CA THR H 25 -7.19 -21.69 -7.30
C THR H 25 -7.63 -23.12 -7.05
N ASN H 26 -7.33 -23.98 -8.02
CA ASN H 26 -7.54 -25.44 -7.90
C ASN H 26 -8.85 -25.88 -7.22
N GLN H 27 -8.74 -26.64 -6.15
CA GLN H 27 -9.90 -27.20 -5.46
C GLN H 27 -10.94 -26.17 -5.06
N ARG H 28 -10.48 -25.00 -4.63
CA ARG H 28 -11.39 -23.94 -4.27
C ARG H 28 -11.96 -23.25 -5.50
N ALA H 29 -11.29 -23.42 -6.63
CA ALA H 29 -11.79 -22.91 -7.89
C ALA H 29 -13.00 -23.73 -8.29
N LEU H 30 -12.91 -25.05 -8.16
CA LEU H 30 -14.05 -25.94 -8.40
C LEU H 30 -15.22 -25.58 -7.46
N ALA H 31 -14.94 -25.32 -6.19
CA ALA H 31 -16.02 -24.95 -5.26
C ALA H 31 -16.67 -23.65 -5.71
N VAL H 32 -15.87 -22.74 -6.28
CA VAL H 32 -16.38 -21.47 -6.81
C VAL H 32 -17.28 -21.67 -8.00
N ARG H 33 -16.94 -22.54 -8.94
CA ARG H 33 -17.83 -22.81 -10.06
C ARG H 33 -19.11 -23.39 -9.55
N ALA H 34 -19.03 -24.49 -8.81
CA ALA H 34 -20.24 -25.16 -8.29
C ALA H 34 -21.14 -24.14 -7.63
N TYR H 35 -20.56 -23.25 -6.84
CA TYR H 35 -21.37 -22.23 -6.13
C TYR H 35 -21.95 -21.13 -7.03
N ALA H 36 -21.22 -20.68 -8.04
CA ALA H 36 -21.74 -19.72 -9.00
C ALA H 36 -22.94 -20.30 -9.79
N GLU H 37 -22.86 -21.58 -10.09
CA GLU H 37 -23.92 -22.21 -10.85
C GLU H 37 -25.18 -22.36 -9.98
N LYS H 38 -24.99 -22.74 -8.72
CA LYS H 38 -26.10 -22.84 -7.76
C LYS H 38 -26.83 -21.49 -7.61
N VAL H 39 -26.11 -20.40 -7.74
CA VAL H 39 -26.69 -19.10 -7.47
C VAL H 39 -26.99 -18.31 -8.76
N GLY H 40 -26.72 -18.92 -9.90
CA GLY H 40 -27.03 -18.36 -11.21
C GLY H 40 -26.16 -17.20 -11.63
N VAL H 41 -24.88 -17.24 -11.24
CA VAL H 41 -23.93 -16.27 -11.73
C VAL H 41 -23.14 -16.97 -12.82
N PRO H 42 -23.01 -16.32 -13.99
CA PRO H 42 -22.43 -17.03 -15.15
C PRO H 42 -20.97 -17.29 -15.04
N VAL H 43 -20.55 -18.48 -15.45
CA VAL H 43 -19.18 -18.90 -15.50
C VAL H 43 -18.73 -19.02 -16.94
N ILE H 44 -17.78 -18.18 -17.34
CA ILE H 44 -17.30 -18.13 -18.72
C ILE H 44 -15.94 -18.82 -18.76
N VAL H 45 -15.74 -19.77 -19.64
CA VAL H 45 -14.46 -20.43 -19.78
C VAL H 45 -13.59 -19.70 -20.81
N ASP H 46 -12.72 -18.81 -20.31
CA ASP H 46 -11.76 -18.03 -21.14
C ASP H 46 -10.33 -18.18 -20.63
N ILE H 47 -9.59 -19.10 -21.25
CA ILE H 47 -8.34 -19.59 -20.69
C ILE H 47 -7.25 -18.50 -20.65
N LYS H 48 -6.90 -17.91 -21.78
CA LYS H 48 -5.95 -16.79 -21.82
C LYS H 48 -6.32 -15.70 -20.84
N LEU H 49 -7.59 -15.33 -20.80
CA LEU H 49 -7.96 -14.22 -19.89
C LEU H 49 -7.80 -14.60 -18.41
N ALA H 50 -8.27 -15.81 -18.05
CA ALA H 50 -8.16 -16.32 -16.67
C ALA H 50 -6.71 -16.36 -16.23
N ARG H 51 -5.88 -16.92 -17.13
CA ARG H 51 -4.45 -17.00 -16.91
C ARG H 51 -3.78 -15.65 -16.72
N SER H 52 -4.07 -14.66 -17.54
CA SER H 52 -3.47 -13.31 -17.35
C SER H 52 -3.85 -12.61 -16.06
N LEU H 53 -5.15 -12.58 -15.76
CA LEU H 53 -5.60 -11.94 -14.53
C LEU H 53 -4.97 -12.65 -13.37
N PHE H 54 -4.96 -13.97 -13.40
CA PHE H 54 -4.37 -14.70 -12.30
C PHE H 54 -2.92 -14.37 -12.07
N LYS H 55 -2.18 -14.07 -13.12
CA LYS H 55 -0.76 -13.81 -12.94
C LYS H 55 -0.43 -12.36 -12.62
N THR H 56 -1.29 -11.40 -12.99
CA THR H 56 -0.95 -9.98 -12.79
C THR H 56 -1.83 -9.24 -11.79
N HIS H 57 -2.65 -9.98 -11.05
CA HIS H 57 -3.71 -9.40 -10.25
C HIS H 57 -3.91 -10.22 -9.01
N ARG H 58 -4.62 -9.62 -8.07
CA ARG H 58 -4.89 -10.22 -6.79
C ARG H 58 -6.30 -9.84 -6.30
N ARG H 59 -6.79 -10.60 -5.31
CA ARG H 59 -8.13 -10.38 -4.79
C ARG H 59 -8.38 -8.91 -4.52
N TYR H 60 -9.47 -8.37 -5.04
CA TYR H 60 -9.96 -7.00 -4.76
C TYR H 60 -9.23 -5.93 -5.55
N ASP H 61 -8.32 -6.30 -6.45
CA ASP H 61 -7.67 -5.31 -7.30
C ASP H 61 -8.69 -4.69 -8.24
N LEU H 62 -8.43 -3.47 -8.67
CA LEU H 62 -9.07 -2.93 -9.86
C LEU H 62 -8.36 -3.57 -10.99
N VAL H 63 -9.10 -3.88 -12.06
CA VAL H 63 -8.51 -4.41 -13.27
C VAL H 63 -7.57 -3.35 -13.84
N SER H 64 -6.32 -3.75 -14.12
CA SER H 64 -5.25 -2.88 -14.61
C SER H 64 -5.47 -2.40 -16.00
N LEU H 65 -4.75 -1.34 -16.36
CA LEU H 65 -4.73 -0.81 -17.71
C LEU H 65 -4.39 -1.84 -18.78
N GLU H 66 -3.65 -2.88 -18.41
CA GLU H 66 -3.25 -3.88 -19.38
C GLU H 66 -4.44 -4.66 -19.86
N GLU H 67 -5.39 -4.93 -18.97
CA GLU H 67 -6.47 -5.86 -19.26
C GLU H 67 -7.86 -5.26 -19.34
N ILE H 68 -8.05 -3.97 -19.01
CA ILE H 68 -9.41 -3.40 -18.94
C ILE H 68 -10.16 -3.73 -20.24
N ASP H 69 -9.53 -3.43 -21.38
CA ASP H 69 -10.18 -3.54 -22.68
C ASP H 69 -10.80 -4.93 -22.97
N GLU H 70 -10.06 -5.98 -22.63
CA GLU H 70 -10.58 -7.34 -22.75
C GLU H 70 -11.71 -7.57 -21.78
N VAL H 71 -11.56 -7.08 -20.55
CA VAL H 71 -12.59 -7.31 -19.56
C VAL H 71 -13.87 -6.54 -19.93
N LEU H 72 -13.74 -5.28 -20.31
CA LEU H 72 -14.88 -4.52 -20.85
C LEU H 72 -15.57 -5.25 -22.00
N ARG H 73 -14.80 -5.81 -22.92
CA ARG H 73 -15.41 -6.48 -24.08
C ARG H 73 -16.22 -7.71 -23.66
N LEU H 74 -15.68 -8.49 -22.75
CA LEU H 74 -16.40 -9.63 -22.18
C LEU H 74 -17.67 -9.14 -21.50
N LEU H 75 -17.55 -8.03 -20.76
CA LEU H 75 -18.70 -7.47 -20.05
C LEU H 75 -19.80 -7.04 -21.04
N VAL H 76 -19.41 -6.38 -22.13
CA VAL H 76 -20.36 -5.89 -23.14
C VAL H 76 -21.01 -7.05 -23.85
N TRP H 77 -20.20 -8.04 -24.21
CA TRP H 77 -20.70 -9.26 -24.84
C TRP H 77 -21.76 -9.92 -23.96
N LEU H 78 -21.45 -10.05 -22.68
CA LEU H 78 -22.35 -10.72 -21.75
C LEU H 78 -23.64 -9.93 -21.64
N GLU H 79 -23.53 -8.62 -21.55
CA GLU H 79 -24.71 -7.80 -21.53
C GLU H 79 -25.58 -8.00 -22.79
N GLU H 80 -24.93 -8.11 -23.94
CA GLU H 80 -25.67 -8.32 -25.18
C GLU H 80 -26.36 -9.66 -25.22
N VAL H 81 -25.69 -10.69 -24.71
CA VAL H 81 -26.22 -12.05 -24.73
C VAL H 81 -27.43 -12.15 -23.80
N GLU H 82 -27.36 -11.49 -22.64
CA GLU H 82 -28.51 -11.39 -21.72
C GLU H 82 -29.65 -10.53 -22.28
N ASN H 83 -29.31 -9.59 -23.15
CA ASN H 83 -30.28 -8.72 -23.79
C ASN H 83 -31.19 -9.52 -24.72
N ALA H 84 -30.56 -10.14 -25.71
CA ALA H 84 -31.26 -10.93 -26.71
C ALA H 84 -32.15 -11.97 -26.04
N GLY H 85 -31.65 -12.55 -24.94
CA GLY H 85 -32.35 -13.57 -24.17
C GLY H 85 -33.54 -13.10 -23.34
N LYS H 86 -33.62 -11.80 -23.05
CA LYS H 86 -34.83 -11.26 -22.40
C LYS H 86 -36.03 -11.19 -23.39
N ASP H 87 -35.77 -11.37 -24.69
CA ASP H 87 -36.80 -11.23 -25.74
C ASP H 87 -37.25 -12.59 -26.30
#